data_3CM8
#
_entry.id   3CM8
#
_cell.length_a   121.942
_cell.length_b   121.942
_cell.length_c   134.594
_cell.angle_alpha   90.00
_cell.angle_beta   90.00
_cell.angle_gamma   90.00
#
_symmetry.space_group_name_H-M   'P 41 21 2'
#
loop_
_entity.id
_entity.type
_entity.pdbx_description
1 polymer 'Polymerase acidic protein'
2 polymer 'peptide from RNA-directed RNA polymerase catalytic subunit'
3 water water
#
loop_
_entity_poly.entity_id
_entity_poly.type
_entity_poly.pdbx_seq_one_letter_code
_entity_poly.pdbx_strand_id
1 'polypeptide(L)'
;GPLGSPEFPGRIEPFLKTTPRPLRLPDGPPCSQRSKFLLMDALKLSIEDPSHEGEGIPLYDAIKCMKTFFGWKEPNIVKP
HEKGINPNYLLAWKQVLAELQDIENEEKIPKTKNMRKTSQLKWALGENMAPEKVDFEDCKDVSDLRQYDSDEPKPRSLAS
WIQSEFNKACELTDSSWIELDEIGEDVAPIEHIASMRRNYFTAEVSHCRATEYIMKGVYINTALLNASCAAMDDFQLIPM
ISKCRTKEGRRKTNLYGFIIKGRSHLRNDTDVVNFVSMEFSLTDPRLEPHKWEKYCVLEIGDMLLRTAIGQVSRPMFLYV
RTNGTSKIKMKWGMEMRRCLLQSLQQIESMIEAESSVKEKDMTKEFFENKSETWPIGESPKGMEEGSIGKVCRTLLAKSV
FNSLYASPQLEGFSAESRKLLLIVQALRDNLEPGTFDLGGLYEAIEECLINDPWVLLNASWFNSFLTHALK
;
A
2 'polypeptide(L)' GPLGSMDVNPTLLFLKVPAQNAISTTFPYT B
#
# COMPACT_ATOMS: atom_id res chain seq x y z
N ILE A 12 -24.08 -8.84 34.88
CA ILE A 12 -23.20 -7.74 35.24
C ILE A 12 -22.02 -8.22 36.10
N GLU A 13 -22.29 -9.13 37.03
CA GLU A 13 -21.22 -9.76 37.83
C GLU A 13 -20.02 -10.12 36.94
N PRO A 14 -18.92 -9.34 37.09
CA PRO A 14 -17.84 -9.16 36.12
C PRO A 14 -16.68 -10.17 36.14
N PHE A 15 -16.50 -10.85 37.27
CA PHE A 15 -15.25 -11.51 37.65
C PHE A 15 -14.55 -12.47 36.67
N LEU A 16 -14.39 -12.06 35.41
CA LEU A 16 -13.64 -12.90 34.45
C LEU A 16 -12.31 -12.34 33.89
N LYS A 17 -11.73 -11.36 34.58
CA LYS A 17 -10.27 -11.28 34.69
C LYS A 17 -9.44 -10.73 33.52
N THR A 18 -8.15 -11.03 33.60
CA THR A 18 -7.17 -10.78 32.56
C THR A 18 -7.03 -12.07 31.74
N THR A 19 -8.18 -12.71 31.50
CA THR A 19 -8.24 -13.98 30.79
C THR A 19 -7.71 -13.91 29.36
N PRO A 20 -8.06 -12.83 28.62
CA PRO A 20 -7.52 -12.61 27.28
C PRO A 20 -5.99 -12.63 27.28
N ARG A 21 -5.40 -13.48 26.44
CA ARG A 21 -3.96 -13.58 26.30
C ARG A 21 -3.53 -12.94 24.99
N PRO A 22 -2.22 -12.71 24.82
CA PRO A 22 -1.76 -12.20 23.53
C PRO A 22 -2.01 -13.22 22.42
N LEU A 23 -2.29 -12.72 21.22
CA LEU A 23 -2.39 -13.58 20.06
C LEU A 23 -1.00 -14.14 19.75
N ARG A 24 -0.95 -15.33 19.18
CA ARG A 24 0.33 -15.93 18.83
C ARG A 24 0.63 -15.79 17.36
N LEU A 25 1.77 -15.19 17.04
CA LEU A 25 2.17 -14.99 15.66
C LEU A 25 3.15 -16.09 15.20
N PRO A 26 3.09 -16.44 13.90
CA PRO A 26 3.93 -17.45 13.26
C PRO A 26 5.43 -17.23 13.45
N ASP A 27 6.18 -18.32 13.46
CA ASP A 27 7.63 -18.28 13.33
C ASP A 27 7.89 -18.45 11.84
N GLY A 28 9.06 -18.03 11.39
CA GLY A 28 9.44 -18.26 10.01
C GLY A 28 10.39 -17.21 9.47
N PRO A 29 10.74 -17.32 8.19
CA PRO A 29 11.48 -16.21 7.59
C PRO A 29 10.61 -14.97 7.75
N PRO A 30 11.20 -13.77 7.67
CA PRO A 30 10.39 -12.56 7.83
C PRO A 30 9.46 -12.38 6.63
N CYS A 31 8.34 -11.72 6.83
CA CYS A 31 7.39 -11.46 5.75
C CYS A 31 8.00 -10.51 4.71
N SER A 32 7.44 -10.52 3.51
CA SER A 32 7.97 -9.71 2.43
C SER A 32 6.91 -8.81 1.82
N GLN A 33 7.38 -7.73 1.18
CA GLN A 33 6.52 -6.78 0.48
C GLN A 33 5.69 -7.52 -0.56
N ARG A 34 4.44 -7.06 -0.75
CA ARG A 34 3.58 -7.68 -1.75
C ARG A 34 2.50 -6.71 -2.22
N SER A 35 2.73 -5.43 -2.01
CA SER A 35 1.85 -4.41 -2.54
C SER A 35 2.08 -4.39 -4.03
N LYS A 36 1.20 -3.72 -4.77
CA LYS A 36 1.28 -3.73 -6.22
C LYS A 36 2.41 -2.83 -6.72
N PHE A 37 2.47 -1.63 -6.15
CA PHE A 37 3.60 -0.75 -6.37
C PHE A 37 4.35 -0.49 -5.06
N LEU A 38 5.51 0.13 -5.16
CA LEU A 38 6.31 0.45 -3.99
C LEU A 38 5.58 1.51 -3.20
N LEU A 39 5.86 1.58 -1.89
CA LEU A 39 5.20 2.55 -1.03
C LEU A 39 6.20 3.60 -0.55
N MET A 40 6.76 3.41 0.63
CA MET A 40 7.72 4.38 1.17
C MET A 40 9.00 4.45 0.36
N ASP A 41 9.24 3.43 -0.44
CA ASP A 41 10.50 3.31 -1.16
C ASP A 41 10.33 3.84 -2.57
N ALA A 42 9.13 4.31 -2.90
CA ALA A 42 8.87 4.87 -4.23
C ALA A 42 9.73 6.12 -4.49
N LEU A 43 10.08 6.35 -5.74
CA LEU A 43 10.81 7.55 -6.10
C LEU A 43 10.18 8.14 -7.34
N LYS A 44 9.84 9.43 -7.27
CA LYS A 44 9.23 10.11 -8.41
C LYS A 44 10.24 10.97 -9.15
N LEU A 45 10.20 10.89 -10.48
CA LEU A 45 10.84 11.88 -11.32
C LEU A 45 9.71 12.80 -11.79
N SER A 46 9.82 14.10 -11.55
CA SER A 46 8.68 14.98 -11.85
C SER A 46 8.96 16.23 -12.69
N ILE A 47 7.88 16.75 -13.27
CA ILE A 47 7.91 17.96 -14.08
C ILE A 47 6.65 18.79 -13.80
N GLU A 48 6.48 19.89 -14.53
CA GLU A 48 5.27 20.71 -14.43
C GLU A 48 4.38 20.57 -15.67
N ILE A 57 -0.89 12.86 -22.40
CA ILE A 57 -0.16 11.78 -23.06
C ILE A 57 0.97 11.25 -22.20
N PRO A 58 0.69 10.19 -21.43
CA PRO A 58 1.60 9.55 -20.48
C PRO A 58 3.03 9.39 -20.97
N LEU A 59 3.22 8.73 -22.10
CA LEU A 59 4.57 8.50 -22.62
C LEU A 59 5.34 9.80 -22.87
N TYR A 60 4.64 10.81 -23.38
CA TYR A 60 5.29 12.09 -23.59
C TYR A 60 5.78 12.60 -22.25
N ASP A 61 4.91 12.56 -21.25
CA ASP A 61 5.26 13.03 -19.93
C ASP A 61 6.30 12.14 -19.28
N ALA A 62 6.25 10.85 -19.57
CA ALA A 62 7.22 9.91 -19.02
C ALA A 62 8.62 10.34 -19.44
N ILE A 63 8.81 10.56 -20.73
CA ILE A 63 10.10 10.97 -21.24
C ILE A 63 10.53 12.33 -20.68
N LYS A 64 9.62 13.28 -20.63
CA LYS A 64 9.96 14.58 -20.06
C LYS A 64 10.41 14.44 -18.60
N CYS A 65 9.81 13.50 -17.89
CA CYS A 65 10.18 13.26 -16.49
C CYS A 65 11.56 12.62 -16.40
N MET A 66 11.82 11.66 -17.28
CA MET A 66 13.08 10.96 -17.24
C MET A 66 14.20 11.91 -17.61
N LYS A 67 13.88 12.89 -18.44
CA LYS A 67 14.87 13.85 -18.89
C LYS A 67 15.32 14.76 -17.74
N THR A 68 14.53 14.82 -16.68
CA THR A 68 14.95 15.61 -15.52
C THR A 68 15.97 14.85 -14.69
N PHE A 69 16.40 13.68 -15.16
CA PHE A 69 17.41 12.89 -14.46
C PHE A 69 18.59 12.72 -15.37
N PHE A 70 19.79 12.83 -14.82
CA PHE A 70 20.99 12.88 -15.64
C PHE A 70 22.06 11.91 -15.13
N GLY A 71 21.60 10.84 -14.47
CA GLY A 71 22.49 9.82 -13.92
C GLY A 71 22.25 8.42 -14.46
N TRP A 72 21.44 8.29 -15.51
CA TRP A 72 21.23 6.98 -16.13
C TRP A 72 22.58 6.32 -16.41
N LYS A 73 22.72 5.07 -16.01
CA LYS A 73 23.93 4.33 -16.34
C LYS A 73 23.60 2.91 -16.82
N GLU A 74 24.64 2.16 -17.21
CA GLU A 74 24.48 0.75 -17.59
C GLU A 74 23.89 -0.06 -16.45
N PRO A 75 22.68 -0.61 -16.66
CA PRO A 75 21.94 -1.30 -15.61
C PRO A 75 22.66 -2.57 -15.20
N ASN A 76 22.62 -2.87 -13.91
CA ASN A 76 23.28 -4.05 -13.39
C ASN A 76 22.48 -4.64 -12.21
N ILE A 77 22.44 -5.97 -12.12
CA ILE A 77 21.73 -6.63 -11.03
C ILE A 77 22.52 -6.55 -9.74
N VAL A 78 21.83 -6.14 -8.67
CA VAL A 78 22.41 -6.05 -7.33
C VAL A 78 21.72 -6.95 -6.32
N LYS A 79 20.46 -7.28 -6.57
CA LYS A 79 19.70 -8.18 -5.70
C LYS A 79 18.83 -9.07 -6.58
N PRO A 80 19.29 -10.30 -6.82
CA PRO A 80 18.64 -11.20 -7.79
C PRO A 80 17.38 -11.83 -7.21
N HIS A 81 16.45 -12.18 -8.09
CA HIS A 81 15.22 -12.87 -7.74
C HIS A 81 15.52 -14.37 -7.66
N GLU A 82 15.50 -14.94 -6.47
CA GLU A 82 15.98 -16.30 -6.27
C GLU A 82 15.20 -17.37 -7.05
N LYS A 83 14.06 -17.01 -7.61
CA LYS A 83 13.29 -17.97 -8.38
C LYS A 83 13.14 -17.61 -9.86
N GLY A 84 13.40 -16.35 -10.20
CA GLY A 84 13.27 -15.91 -11.57
C GLY A 84 14.53 -16.04 -12.40
N ILE A 85 14.38 -15.82 -13.71
CA ILE A 85 15.53 -15.75 -14.60
C ILE A 85 16.00 -14.30 -14.68
N ASN A 86 17.01 -13.95 -13.87
CA ASN A 86 17.40 -12.55 -13.69
C ASN A 86 17.83 -11.80 -14.95
N PRO A 87 18.68 -12.42 -15.79
CA PRO A 87 19.10 -11.67 -16.98
C PRO A 87 17.89 -11.22 -17.77
N ASN A 88 16.77 -11.92 -17.59
CA ASN A 88 15.54 -11.58 -18.30
C ASN A 88 15.02 -10.24 -17.82
N TYR A 89 15.19 -9.99 -16.53
CA TYR A 89 14.75 -8.75 -15.91
C TYR A 89 15.60 -7.59 -16.44
N LEU A 90 16.92 -7.76 -16.34
CA LEU A 90 17.89 -6.83 -16.89
C LEU A 90 17.58 -6.49 -18.35
N LEU A 91 17.35 -7.52 -19.17
CA LEU A 91 17.05 -7.29 -20.58
C LEU A 91 15.75 -6.52 -20.79
N ALA A 92 14.73 -6.83 -19.99
CA ALA A 92 13.44 -6.16 -20.06
C ALA A 92 13.60 -4.64 -19.90
N TRP A 93 14.43 -4.26 -18.94
CA TRP A 93 14.66 -2.85 -18.69
C TRP A 93 15.39 -2.24 -19.88
N LYS A 94 16.45 -2.90 -20.29
CA LYS A 94 17.21 -2.42 -21.44
C LYS A 94 16.31 -2.24 -22.66
N GLN A 95 15.44 -3.21 -22.88
CA GLN A 95 14.45 -3.09 -23.95
C GLN A 95 13.56 -1.87 -23.76
N VAL A 96 13.20 -1.60 -22.51
CA VAL A 96 12.37 -0.45 -22.21
C VAL A 96 13.08 0.83 -22.65
N LEU A 97 14.36 0.96 -22.28
CA LEU A 97 15.13 2.14 -22.64
C LEU A 97 15.22 2.27 -24.15
N ALA A 98 15.58 1.16 -24.78
CA ALA A 98 15.72 1.10 -26.23
C ALA A 98 14.47 1.63 -26.92
N GLU A 99 13.32 1.10 -26.54
CA GLU A 99 12.07 1.51 -27.17
C GLU A 99 11.70 2.95 -26.83
N LEU A 100 12.07 3.38 -25.63
CA LEU A 100 11.89 4.78 -25.24
C LEU A 100 12.70 5.73 -26.14
N GLN A 101 13.92 5.33 -26.47
CA GLN A 101 14.73 6.06 -27.45
C GLN A 101 14.00 6.21 -28.80
N ASP A 102 13.43 5.12 -29.30
CA ASP A 102 12.71 5.17 -30.57
C ASP A 102 11.65 6.25 -30.58
N ILE A 103 10.94 6.38 -29.46
CA ILE A 103 9.87 7.38 -29.36
C ILE A 103 10.44 8.80 -29.26
N GLU A 104 11.53 8.96 -28.53
CA GLU A 104 12.13 10.27 -28.30
C GLU A 104 12.19 11.12 -29.58
N ASN A 105 11.87 12.40 -29.42
CA ASN A 105 11.67 13.31 -30.55
C ASN A 105 10.50 12.89 -31.44
N GLU A 106 10.79 12.27 -32.57
CA GLU A 106 9.74 11.97 -33.54
C GLU A 106 8.86 13.19 -33.74
N GLU A 107 7.55 12.99 -33.80
CA GLU A 107 6.61 14.11 -33.85
C GLU A 107 5.41 13.83 -32.97
N LYS A 108 4.62 12.83 -33.34
CA LYS A 108 3.47 12.43 -32.54
C LYS A 108 3.78 11.20 -31.67
N ILE A 109 3.96 11.47 -30.37
CA ILE A 109 4.22 10.43 -29.39
C ILE A 109 2.91 9.75 -28.99
N PRO A 110 2.86 8.41 -29.12
CA PRO A 110 1.68 7.62 -28.77
C PRO A 110 1.37 7.59 -27.28
N LYS A 111 0.14 7.27 -26.94
CA LYS A 111 -0.18 6.86 -25.59
C LYS A 111 0.32 5.43 -25.42
N THR A 112 0.70 5.08 -24.20
CA THR A 112 1.12 3.72 -23.83
C THR A 112 2.24 3.01 -24.66
N LYS A 113 1.98 2.69 -25.94
CA LYS A 113 2.99 2.03 -26.80
C LYS A 113 3.11 0.50 -26.66
N ASN A 114 3.14 -0.19 -27.80
CA ASN A 114 3.27 -1.65 -27.81
C ASN A 114 4.72 -2.07 -27.98
N MET A 115 5.13 -3.08 -27.22
CA MET A 115 6.53 -3.49 -27.19
C MET A 115 6.80 -4.78 -27.96
N ARG A 116 8.03 -4.89 -28.42
CA ARG A 116 8.49 -6.06 -29.16
C ARG A 116 8.35 -7.32 -28.30
N LYS A 117 7.59 -8.29 -28.78
CA LYS A 117 7.36 -9.52 -28.02
C LYS A 117 8.62 -10.38 -27.95
N THR A 118 9.62 -9.86 -27.25
CA THR A 118 10.92 -10.52 -27.15
C THR A 118 10.91 -11.72 -26.21
N SER A 119 12.04 -12.39 -26.13
CA SER A 119 12.19 -13.56 -25.28
C SER A 119 11.97 -13.24 -23.81
N GLN A 120 12.60 -12.16 -23.33
CA GLN A 120 12.51 -11.76 -21.93
C GLN A 120 11.08 -11.42 -21.52
N LEU A 121 10.37 -10.71 -22.39
CA LEU A 121 9.02 -10.28 -22.10
C LEU A 121 8.04 -11.46 -22.11
N LYS A 122 8.19 -12.33 -23.11
CA LYS A 122 7.39 -13.55 -23.16
C LYS A 122 7.55 -14.31 -21.85
N TRP A 123 8.79 -14.48 -21.43
CA TRP A 123 9.08 -15.22 -20.21
C TRP A 123 8.47 -14.59 -18.98
N ALA A 124 8.78 -13.33 -18.73
CA ALA A 124 8.30 -12.64 -17.54
C ALA A 124 6.78 -12.55 -17.55
N LEU A 125 6.21 -12.28 -18.71
CA LEU A 125 4.77 -12.17 -18.84
C LEU A 125 4.07 -13.54 -18.93
N GLY A 126 4.76 -14.58 -18.47
CA GLY A 126 4.23 -15.94 -18.44
C GLY A 126 3.65 -16.43 -19.75
N GLU A 127 4.42 -16.31 -20.83
CA GLU A 127 3.92 -16.59 -22.16
C GLU A 127 4.35 -17.97 -22.69
N ASN A 128 5.28 -18.61 -21.98
CA ASN A 128 5.63 -20.00 -22.28
C ASN A 128 4.71 -20.94 -21.50
N MET A 129 4.05 -20.38 -20.49
CA MET A 129 2.97 -21.09 -19.81
C MET A 129 1.72 -21.04 -20.68
N ALA A 130 1.86 -20.50 -21.89
CA ALA A 130 0.75 -20.44 -22.82
C ALA A 130 0.33 -21.85 -23.24
N PRO A 131 -0.98 -22.14 -23.11
CA PRO A 131 -1.62 -23.45 -23.33
C PRO A 131 -1.26 -24.10 -24.66
N GLU A 132 -0.95 -23.29 -25.67
CA GLU A 132 -0.59 -23.83 -26.98
C GLU A 132 0.59 -24.80 -26.89
N LYS A 133 1.28 -24.81 -25.74
CA LYS A 133 2.49 -25.60 -25.58
C LYS A 133 2.42 -26.66 -24.45
N VAL A 134 2.69 -27.91 -24.84
CA VAL A 134 2.86 -29.05 -23.92
C VAL A 134 2.21 -30.33 -24.49
N ASP A 135 2.31 -31.44 -23.74
CA ASP A 135 1.83 -32.74 -24.23
C ASP A 135 0.95 -33.47 -23.22
N PHE A 136 1.20 -34.76 -23.06
CA PHE A 136 0.49 -35.59 -22.09
C PHE A 136 0.57 -34.96 -20.70
N GLU A 137 1.56 -34.09 -20.54
CA GLU A 137 1.73 -33.36 -19.28
C GLU A 137 0.55 -32.41 -19.08
N ASP A 138 -0.29 -32.31 -20.11
CA ASP A 138 -1.51 -31.51 -20.06
C ASP A 138 -2.57 -32.22 -19.21
N CYS A 139 -2.12 -32.92 -18.17
CA CYS A 139 -3.01 -33.69 -17.29
C CYS A 139 -2.53 -33.63 -15.84
N LYS A 140 -2.28 -32.42 -15.36
CA LYS A 140 -1.72 -32.20 -14.02
C LYS A 140 -2.78 -31.70 -13.03
N ASP A 141 -3.29 -32.61 -12.19
CA ASP A 141 -4.41 -32.31 -11.31
C ASP A 141 -4.19 -32.82 -9.88
N VAL A 142 -3.56 -32.01 -9.05
CA VAL A 142 -3.26 -32.41 -7.67
C VAL A 142 -4.51 -32.81 -6.90
N SER A 143 -5.03 -31.88 -6.11
CA SER A 143 -6.18 -32.14 -5.24
C SER A 143 -7.49 -32.10 -6.00
N GLU A 152 -0.70 -25.99 4.29
CA GLU A 152 0.68 -25.51 4.22
C GLU A 152 0.87 -24.45 3.13
N PRO A 153 0.60 -23.17 3.47
CA PRO A 153 0.86 -21.99 2.64
C PRO A 153 2.05 -21.22 3.16
N LYS A 154 2.84 -21.87 4.02
CA LYS A 154 4.14 -21.38 4.50
C LYS A 154 4.14 -20.11 5.35
N PRO A 155 4.49 -20.25 6.64
CA PRO A 155 4.44 -19.17 7.63
C PRO A 155 5.62 -18.22 7.53
N ARG A 156 5.35 -16.94 7.78
CA ARG A 156 6.38 -15.90 7.83
C ARG A 156 6.20 -15.12 9.10
N SER A 157 7.30 -14.66 9.69
CA SER A 157 7.21 -13.85 10.90
C SER A 157 7.07 -12.36 10.58
N LEU A 158 6.51 -11.61 11.52
CA LEU A 158 6.40 -10.16 11.37
C LEU A 158 7.78 -9.54 11.24
N ALA A 159 7.86 -8.47 10.45
CA ALA A 159 9.10 -7.71 10.29
C ALA A 159 8.81 -6.24 10.54
N SER A 160 9.81 -5.51 11.02
CA SER A 160 9.65 -4.09 11.31
C SER A 160 9.21 -3.24 10.10
N TRP A 161 9.54 -3.70 8.91
CA TRP A 161 9.29 -2.90 7.73
C TRP A 161 7.84 -2.48 7.54
N ILE A 162 6.90 -3.39 7.76
CA ILE A 162 5.49 -3.06 7.59
C ILE A 162 5.01 -1.94 8.53
N GLN A 163 5.56 -1.87 9.74
CA GLN A 163 5.22 -0.76 10.64
C GLN A 163 5.81 0.58 10.15
N SER A 164 7.07 0.55 9.69
CA SER A 164 7.66 1.72 9.03
C SER A 164 6.77 2.18 7.89
N GLU A 165 6.40 1.21 7.05
CA GLU A 165 5.50 1.50 5.95
C GLU A 165 4.29 2.31 6.42
N PHE A 166 3.63 1.81 7.46
CA PHE A 166 2.42 2.47 7.95
C PHE A 166 2.71 3.83 8.58
N ASN A 167 3.78 3.92 9.36
CA ASN A 167 4.24 5.20 9.89
C ASN A 167 4.33 6.26 8.81
N LYS A 168 5.06 5.95 7.75
CA LYS A 168 5.26 6.90 6.66
C LYS A 168 3.94 7.22 5.98
N ALA A 169 3.02 6.26 6.01
CA ALA A 169 1.71 6.45 5.40
C ALA A 169 0.88 7.52 6.13
N CYS A 170 1.14 7.67 7.42
CA CYS A 170 0.41 8.62 8.25
C CYS A 170 1.00 10.03 8.18
N GLU A 171 2.13 10.14 7.48
CA GLU A 171 2.86 11.40 7.43
C GLU A 171 2.23 12.40 6.47
N LEU A 172 2.46 13.68 6.77
CA LEU A 172 2.08 14.76 5.88
C LEU A 172 3.15 14.95 4.81
N THR A 173 2.70 15.35 3.63
CA THR A 173 3.57 15.52 2.49
C THR A 173 3.69 17.01 2.14
N ASP A 174 4.70 17.37 1.36
CA ASP A 174 4.85 18.74 0.89
C ASP A 174 4.10 18.94 -0.42
N SER A 175 2.96 18.27 -0.56
CA SER A 175 2.15 18.30 -1.79
C SER A 175 0.70 17.94 -1.54
N SER A 176 -0.17 18.36 -2.44
CA SER A 176 -1.60 18.10 -2.32
C SER A 176 -2.02 17.12 -3.40
N TRP A 177 -2.83 16.14 -3.02
CA TRP A 177 -3.13 15.04 -3.92
C TRP A 177 -4.58 15.04 -4.37
N ILE A 178 -5.37 15.92 -3.77
CA ILE A 178 -6.80 15.99 -4.05
C ILE A 178 -7.31 17.42 -3.99
N GLU A 179 -8.24 17.75 -4.88
CA GLU A 179 -9.00 19.00 -4.79
C GLU A 179 -9.78 18.98 -3.48
N LEU A 180 -10.32 20.14 -3.07
CA LEU A 180 -11.01 20.22 -1.78
C LEU A 180 -12.34 19.46 -1.71
N ASP A 181 -12.83 19.01 -2.86
CA ASP A 181 -14.06 18.24 -2.92
C ASP A 181 -13.85 16.88 -3.61
N GLU A 182 -14.75 16.51 -4.51
CA GLU A 182 -14.63 15.23 -5.20
C GLU A 182 -14.47 15.36 -6.71
N ILE A 183 -13.59 16.27 -7.14
CA ILE A 183 -13.25 16.41 -8.55
C ILE A 183 -12.13 15.46 -8.95
N ILE A 193 -23.83 21.95 6.16
CA ILE A 193 -24.18 21.47 7.49
C ILE A 193 -23.02 20.70 8.11
N ALA A 194 -23.04 19.38 7.93
CA ALA A 194 -21.91 18.54 8.28
C ALA A 194 -20.97 18.48 7.07
N SER A 195 -21.33 19.21 6.03
CA SER A 195 -20.45 19.40 4.89
C SER A 195 -19.24 20.19 5.36
N MET A 196 -19.42 20.89 6.47
CA MET A 196 -18.30 21.56 7.12
C MET A 196 -17.26 20.55 7.56
N ARG A 197 -17.72 19.42 8.09
CA ARG A 197 -16.83 18.35 8.55
C ARG A 197 -15.99 17.77 7.41
N ARG A 198 -16.67 17.47 6.30
CA ARG A 198 -15.96 17.07 5.08
C ARG A 198 -14.74 17.96 4.90
N ASN A 199 -14.99 19.26 4.84
CA ASN A 199 -13.94 20.25 4.63
C ASN A 199 -12.80 20.18 5.65
N TYR A 200 -13.14 20.09 6.93
CA TYR A 200 -12.12 19.99 7.98
C TYR A 200 -11.21 18.80 7.76
N PHE A 201 -11.83 17.64 7.57
CA PHE A 201 -11.13 16.38 7.33
C PHE A 201 -10.25 16.49 6.08
N THR A 202 -10.85 16.90 4.97
CA THR A 202 -10.11 17.07 3.72
C THR A 202 -8.92 18.01 3.88
N ALA A 203 -9.06 18.98 4.76
CA ALA A 203 -7.98 19.92 5.02
C ALA A 203 -6.82 19.20 5.68
N GLU A 204 -7.14 18.11 6.36
CA GLU A 204 -6.20 17.46 7.26
C GLU A 204 -5.53 16.27 6.62
N VAL A 205 -5.96 15.93 5.41
CA VAL A 205 -5.64 14.65 4.79
C VAL A 205 -5.13 14.75 3.33
N SER A 206 -5.42 15.87 2.67
CA SER A 206 -5.08 16.05 1.26
C SER A 206 -3.58 15.99 0.99
N HIS A 207 -2.78 16.19 2.04
CA HIS A 207 -1.33 16.19 1.92
C HIS A 207 -0.76 14.91 2.52
N CYS A 208 -1.64 13.96 2.86
CA CYS A 208 -1.20 12.74 3.51
C CYS A 208 -0.63 11.77 2.48
N ARG A 209 0.46 11.10 2.86
CA ARG A 209 1.07 10.10 1.98
C ARG A 209 0.08 9.00 1.63
N ALA A 210 -0.81 8.67 2.57
CA ALA A 210 -1.86 7.71 2.29
C ALA A 210 -2.66 8.18 1.09
N THR A 211 -2.97 9.47 1.05
CA THR A 211 -3.73 10.03 -0.05
C THR A 211 -2.99 9.92 -1.38
N GLU A 212 -1.68 10.14 -1.35
CA GLU A 212 -0.89 9.88 -2.56
C GLU A 212 -1.06 8.43 -3.01
N TYR A 213 -0.96 7.50 -2.07
CA TYR A 213 -1.14 6.08 -2.36
C TYR A 213 -2.47 5.84 -3.07
N ILE A 214 -3.53 6.50 -2.57
CA ILE A 214 -4.85 6.37 -3.19
C ILE A 214 -4.82 6.77 -4.66
N MET A 215 -4.30 7.96 -4.93
CA MET A 215 -4.28 8.51 -6.27
C MET A 215 -3.34 7.75 -7.20
N LYS A 216 -2.17 7.39 -6.68
CA LYS A 216 -1.24 6.53 -7.40
C LYS A 216 -1.95 5.26 -7.90
N GLY A 217 -2.74 4.66 -7.01
CA GLY A 217 -3.52 3.47 -7.33
C GLY A 217 -4.67 3.69 -8.29
N VAL A 218 -5.32 4.84 -8.21
CA VAL A 218 -6.39 5.16 -9.15
C VAL A 218 -5.84 5.30 -10.57
N TYR A 219 -4.82 6.13 -10.74
CA TYR A 219 -4.21 6.38 -12.04
C TYR A 219 -3.74 5.12 -12.75
N ILE A 220 -2.93 4.32 -12.06
CA ILE A 220 -2.24 3.23 -12.73
C ILE A 220 -3.17 2.05 -12.93
N ASN A 221 -4.18 1.93 -12.08
CA ASN A 221 -5.21 0.92 -12.28
C ASN A 221 -6.13 1.27 -13.44
N THR A 222 -6.61 2.49 -13.48
CA THR A 222 -7.31 2.98 -14.66
C THR A 222 -6.46 2.71 -15.90
N ALA A 223 -5.23 3.23 -15.90
CA ALA A 223 -4.32 3.03 -17.01
C ALA A 223 -4.20 1.57 -17.42
N LEU A 224 -3.96 0.70 -16.44
CA LEU A 224 -3.77 -0.72 -16.71
C LEU A 224 -5.01 -1.34 -17.33
N LEU A 225 -6.18 -0.88 -16.90
CA LEU A 225 -7.43 -1.39 -17.44
C LEU A 225 -7.61 -1.03 -18.91
N ASN A 226 -7.54 0.26 -19.22
CA ASN A 226 -7.63 0.72 -20.61
C ASN A 226 -6.70 -0.10 -21.49
N ALA A 227 -5.42 -0.11 -21.13
CA ALA A 227 -4.43 -0.86 -21.89
C ALA A 227 -4.87 -2.31 -22.08
N SER A 228 -5.50 -2.87 -21.04
CA SER A 228 -5.95 -4.26 -21.05
C SER A 228 -7.11 -4.50 -22.00
N CYS A 229 -7.99 -3.51 -22.12
CA CYS A 229 -9.12 -3.59 -23.04
C CYS A 229 -8.74 -3.17 -24.45
N ALA A 230 -7.90 -2.14 -24.58
CA ALA A 230 -7.56 -1.60 -25.90
C ALA A 230 -6.47 -2.37 -26.64
N ALA A 231 -5.85 -3.36 -25.99
CA ALA A 231 -4.79 -4.12 -26.64
C ALA A 231 -5.08 -5.62 -26.71
N MET A 232 -5.13 -6.26 -25.54
CA MET A 232 -5.38 -7.69 -25.43
C MET A 232 -4.23 -8.55 -25.95
N ASP A 233 -3.80 -8.28 -27.18
CA ASP A 233 -2.75 -9.08 -27.81
C ASP A 233 -1.42 -8.33 -27.85
N ASP A 234 -1.35 -7.21 -27.17
CA ASP A 234 -0.14 -6.40 -27.18
C ASP A 234 0.57 -6.34 -25.82
N PHE A 235 1.90 -6.24 -25.87
CA PHE A 235 2.72 -6.01 -24.69
C PHE A 235 2.87 -4.50 -24.53
N GLN A 236 1.95 -3.87 -23.80
CA GLN A 236 1.93 -2.42 -23.70
C GLN A 236 2.90 -1.91 -22.64
N LEU A 237 3.46 -0.73 -22.88
CA LEU A 237 4.31 -0.06 -21.90
C LEU A 237 3.52 1.05 -21.23
N ILE A 238 3.23 0.88 -19.95
CA ILE A 238 2.44 1.87 -19.23
C ILE A 238 3.27 2.64 -18.22
N PRO A 239 3.37 3.96 -18.42
CA PRO A 239 4.02 4.77 -17.40
C PRO A 239 3.18 4.76 -16.13
N MET A 240 3.86 4.66 -14.99
CA MET A 240 3.21 4.82 -13.71
C MET A 240 3.24 6.29 -13.31
N ILE A 241 2.09 6.94 -13.43
CA ILE A 241 2.03 8.39 -13.26
C ILE A 241 1.06 8.82 -12.16
N SER A 242 1.39 9.92 -11.49
CA SER A 242 0.46 10.59 -10.59
C SER A 242 0.63 12.10 -10.73
N LYS A 243 -0.34 12.87 -10.25
CA LYS A 243 -0.32 14.33 -10.33
C LYS A 243 -0.46 14.91 -8.95
N CYS A 244 0.14 16.07 -8.73
CA CYS A 244 -0.10 16.79 -7.48
C CYS A 244 0.08 18.30 -7.63
N ARG A 245 -0.28 19.01 -6.58
CA ARG A 245 -0.17 20.45 -6.49
C ARG A 245 0.82 20.73 -5.37
N THR A 246 1.87 21.49 -5.65
CA THR A 246 2.88 21.79 -4.63
C THR A 246 2.35 22.76 -3.58
N LYS A 247 3.19 23.12 -2.61
CA LYS A 247 2.83 24.12 -1.62
C LYS A 247 2.65 25.45 -2.37
N GLU A 248 3.67 25.79 -3.15
CA GLU A 248 3.68 27.04 -3.91
C GLU A 248 2.60 27.06 -4.99
N GLY A 249 1.89 25.95 -5.16
CA GLY A 249 0.72 25.90 -6.02
C GLY A 249 0.92 25.32 -7.42
N ARG A 250 2.17 25.07 -7.79
CA ARG A 250 2.48 24.55 -9.12
C ARG A 250 1.94 23.12 -9.29
N ARG A 251 1.32 22.86 -10.44
CA ARG A 251 0.89 21.51 -10.78
C ARG A 251 2.07 20.63 -11.22
N LYS A 252 2.18 19.45 -10.61
CA LYS A 252 3.31 18.57 -10.86
C LYS A 252 2.87 17.21 -11.40
N THR A 253 3.67 16.68 -12.32
CA THR A 253 3.41 15.35 -12.86
C THR A 253 4.57 14.41 -12.51
N ASN A 254 4.23 13.32 -11.83
CA ASN A 254 5.23 12.40 -11.30
C ASN A 254 5.29 11.10 -12.08
N LEU A 255 6.51 10.64 -12.36
CA LEU A 255 6.71 9.31 -12.94
C LEU A 255 7.37 8.39 -11.92
N TYR A 256 6.71 7.28 -11.59
CA TYR A 256 7.19 6.34 -10.58
C TYR A 256 8.02 5.21 -11.18
N GLY A 257 7.83 4.98 -12.47
CA GLY A 257 8.48 3.88 -13.15
C GLY A 257 7.55 3.40 -14.24
N PHE A 258 7.72 2.16 -14.67
CA PHE A 258 6.91 1.60 -15.75
C PHE A 258 6.27 0.27 -15.41
N ILE A 259 5.14 0.03 -16.07
CA ILE A 259 4.50 -1.27 -16.02
C ILE A 259 4.35 -1.76 -17.45
N ILE A 260 4.71 -3.03 -17.66
CA ILE A 260 4.53 -3.67 -18.95
C ILE A 260 3.37 -4.66 -18.88
N LYS A 261 2.33 -4.39 -19.65
CA LYS A 261 1.15 -5.25 -19.68
C LYS A 261 1.43 -6.44 -20.57
N GLY A 262 1.02 -7.62 -20.11
CA GLY A 262 1.16 -8.82 -20.91
C GLY A 262 -0.10 -9.05 -21.72
N ARG A 263 -0.18 -10.20 -22.38
CA ARG A 263 -1.41 -10.59 -23.05
C ARG A 263 -2.59 -10.37 -22.11
N SER A 264 -3.60 -9.67 -22.61
CA SER A 264 -4.81 -9.44 -21.82
C SER A 264 -6.06 -9.87 -22.58
N HIS A 265 -6.13 -11.15 -22.90
CA HIS A 265 -7.29 -11.72 -23.58
C HIS A 265 -8.18 -12.46 -22.59
N LEU A 266 -9.43 -12.01 -22.49
CA LEU A 266 -10.52 -12.73 -21.79
C LEU A 266 -11.46 -11.81 -21.02
N ARG A 267 -12.75 -12.07 -21.16
CA ARG A 267 -13.80 -11.23 -20.59
C ARG A 267 -14.41 -11.93 -19.36
N ASN A 268 -13.55 -12.36 -18.45
CA ASN A 268 -13.99 -13.23 -17.37
C ASN A 268 -14.08 -12.52 -16.02
N ASP A 269 -13.70 -11.24 -16.01
CA ASP A 269 -13.80 -10.36 -14.83
C ASP A 269 -13.01 -10.80 -13.59
N THR A 270 -12.58 -12.05 -13.59
CA THR A 270 -11.78 -12.58 -12.49
C THR A 270 -10.53 -13.21 -13.08
N ASP A 271 -10.44 -13.16 -14.40
CA ASP A 271 -9.28 -13.69 -15.11
C ASP A 271 -8.14 -12.69 -15.05
N VAL A 272 -6.91 -13.22 -15.03
CA VAL A 272 -5.74 -12.40 -14.72
C VAL A 272 -4.86 -12.06 -15.91
N VAL A 273 -4.44 -10.79 -15.96
CA VAL A 273 -3.41 -10.35 -16.90
C VAL A 273 -2.07 -10.25 -16.17
N ASN A 274 -1.06 -10.91 -16.71
CA ASN A 274 0.28 -10.83 -16.16
C ASN A 274 0.95 -9.53 -16.57
N PHE A 275 1.65 -8.91 -15.63
CA PHE A 275 2.41 -7.72 -15.93
C PHE A 275 3.71 -7.74 -15.14
N VAL A 276 4.67 -6.96 -15.59
CA VAL A 276 5.89 -6.75 -14.82
C VAL A 276 6.00 -5.27 -14.46
N SER A 277 6.34 -5.02 -13.21
CA SER A 277 6.43 -3.65 -12.74
C SER A 277 7.90 -3.25 -12.69
N MET A 278 8.17 -1.98 -12.98
CA MET A 278 9.52 -1.45 -12.94
C MET A 278 9.55 -0.10 -12.25
N GLU A 279 9.98 -0.08 -10.99
CA GLU A 279 9.83 1.13 -10.19
C GLU A 279 11.14 1.72 -9.66
N PHE A 280 11.27 3.05 -9.77
CA PHE A 280 12.46 3.75 -9.32
C PHE A 280 12.49 3.80 -7.82
N SER A 281 13.67 3.64 -7.24
CA SER A 281 13.82 3.79 -5.81
C SER A 281 15.26 4.19 -5.45
N LEU A 282 15.39 4.94 -4.36
CA LEU A 282 16.68 5.24 -3.78
C LEU A 282 17.04 4.21 -2.73
N THR A 283 16.14 3.25 -2.48
CA THR A 283 16.32 2.28 -1.41
C THR A 283 17.22 1.10 -1.80
N ASP A 284 18.31 0.94 -1.08
CA ASP A 284 19.18 -0.21 -1.26
C ASP A 284 18.47 -1.50 -0.82
N PRO A 285 18.30 -2.44 -1.77
CA PRO A 285 17.57 -3.69 -1.48
C PRO A 285 18.29 -4.53 -0.45
N ARG A 286 19.56 -4.24 -0.21
CA ARG A 286 20.39 -5.11 0.62
C ARG A 286 20.27 -4.82 2.12
N LEU A 287 19.60 -3.74 2.49
CA LEU A 287 19.34 -3.45 3.89
C LEU A 287 18.29 -4.41 4.48
N GLU A 288 17.30 -4.76 3.67
CA GLU A 288 16.24 -5.67 4.09
C GLU A 288 15.89 -6.59 2.93
N PRO A 289 16.81 -7.48 2.57
CA PRO A 289 16.60 -8.33 1.39
C PRO A 289 15.30 -9.11 1.56
N HIS A 290 14.94 -9.41 2.80
CA HIS A 290 13.75 -10.21 3.07
C HIS A 290 12.48 -9.55 2.53
N LYS A 291 12.39 -8.24 2.68
CA LYS A 291 11.27 -7.46 2.16
C LYS A 291 11.12 -7.64 0.64
N TRP A 292 12.23 -7.90 -0.03
CA TRP A 292 12.25 -7.87 -1.50
C TRP A 292 12.33 -9.24 -2.17
N GLU A 293 11.84 -10.27 -1.48
CA GLU A 293 11.95 -11.65 -1.96
C GLU A 293 11.36 -11.84 -3.37
N LYS A 294 10.29 -11.13 -3.67
CA LYS A 294 9.60 -11.28 -4.95
C LYS A 294 10.23 -10.44 -6.06
N TYR A 295 11.34 -9.80 -5.75
CA TYR A 295 11.89 -8.77 -6.63
C TYR A 295 13.27 -9.12 -7.18
N CYS A 296 13.49 -8.78 -8.45
CA CYS A 296 14.85 -8.55 -8.94
C CYS A 296 15.13 -7.06 -8.87
N VAL A 297 16.23 -6.68 -8.23
CA VAL A 297 16.54 -5.25 -8.16
C VAL A 297 17.80 -4.88 -8.92
N LEU A 298 17.63 -4.02 -9.92
CA LEU A 298 18.76 -3.48 -10.69
C LEU A 298 19.27 -2.16 -10.12
N GLU A 299 20.54 -1.87 -10.41
CA GLU A 299 21.03 -0.51 -10.22
C GLU A 299 21.01 0.12 -11.61
N ILE A 300 20.27 1.21 -11.76
CA ILE A 300 20.03 1.77 -13.08
C ILE A 300 20.59 3.18 -13.27
N GLY A 301 21.26 3.69 -12.25
CA GLY A 301 21.81 5.02 -12.36
C GLY A 301 22.36 5.52 -11.06
N ASP A 302 22.88 6.75 -11.09
CA ASP A 302 23.35 7.41 -9.88
C ASP A 302 22.81 8.83 -9.81
N MET A 303 22.39 9.23 -8.62
CA MET A 303 21.74 10.53 -8.43
C MET A 303 22.52 11.50 -7.51
N LEU A 304 22.57 12.76 -7.93
CA LEU A 304 23.29 13.80 -7.21
C LEU A 304 22.30 14.68 -6.44
N LEU A 305 22.34 14.61 -5.10
CA LEU A 305 21.34 15.30 -4.29
C LEU A 305 21.93 16.43 -3.46
N ARG A 306 21.16 17.51 -3.33
CA ARG A 306 21.47 18.61 -2.43
C ARG A 306 21.23 18.17 -0.99
N THR A 307 22.11 18.58 -0.09
CA THR A 307 22.15 18.00 1.24
C THR A 307 22.67 18.96 2.29
N ALA A 308 22.26 18.74 3.54
CA ALA A 308 22.73 19.55 4.66
C ALA A 308 24.24 19.74 4.58
N ILE A 309 24.94 18.77 4.01
CA ILE A 309 26.40 18.86 3.90
C ILE A 309 26.92 19.02 2.46
N GLY A 310 26.03 19.22 1.50
CA GLY A 310 26.43 19.43 0.12
C GLY A 310 25.92 18.38 -0.84
N GLN A 311 26.58 18.23 -1.99
CA GLN A 311 26.17 17.24 -2.98
C GLN A 311 26.63 15.84 -2.58
N VAL A 312 25.70 14.90 -2.57
CA VAL A 312 26.00 13.52 -2.25
C VAL A 312 25.50 12.60 -3.37
N SER A 313 26.27 11.57 -3.72
CA SER A 313 25.90 10.66 -4.79
C SER A 313 25.21 9.42 -4.22
N ARG A 314 24.00 9.12 -4.69
CA ARG A 314 23.26 7.94 -4.23
C ARG A 314 22.81 7.11 -5.41
N PRO A 315 22.98 5.79 -5.29
CA PRO A 315 22.55 4.88 -6.35
C PRO A 315 21.05 4.99 -6.55
N MET A 316 20.63 4.86 -7.79
CA MET A 316 19.21 4.75 -8.08
C MET A 316 18.91 3.33 -8.53
N PHE A 317 17.95 2.71 -7.86
CA PHE A 317 17.61 1.32 -8.16
C PHE A 317 16.30 1.22 -8.92
N LEU A 318 16.19 0.14 -9.68
CA LEU A 318 14.94 -0.24 -10.30
C LEU A 318 14.45 -1.52 -9.62
N TYR A 319 13.30 -1.45 -8.97
CA TYR A 319 12.69 -2.65 -8.40
C TYR A 319 11.81 -3.33 -9.43
N VAL A 320 12.12 -4.59 -9.73
CA VAL A 320 11.40 -5.33 -10.77
C VAL A 320 10.73 -6.58 -10.21
N ARG A 321 9.53 -6.87 -10.71
CA ARG A 321 8.87 -8.09 -10.32
C ARG A 321 7.72 -8.39 -11.26
N THR A 322 7.37 -9.66 -11.37
CA THR A 322 6.21 -10.08 -12.16
C THR A 322 4.99 -10.05 -11.25
N ASN A 323 3.82 -10.07 -11.86
CA ASN A 323 2.59 -9.90 -11.10
C ASN A 323 1.37 -10.04 -12.00
N GLY A 324 0.18 -9.77 -11.45
CA GLY A 324 -1.04 -9.83 -12.23
C GLY A 324 -2.25 -9.30 -11.49
N THR A 325 -3.23 -8.81 -12.25
CA THR A 325 -4.53 -8.41 -11.68
C THR A 325 -5.66 -8.93 -12.53
N SER A 326 -6.85 -8.41 -12.26
CA SER A 326 -8.07 -8.81 -12.96
C SER A 326 -8.96 -7.59 -13.04
N LYS A 327 -9.89 -7.59 -13.99
CA LYS A 327 -10.86 -6.51 -14.11
C LYS A 327 -11.38 -6.10 -12.74
N ILE A 328 -11.61 -7.10 -11.89
CA ILE A 328 -12.17 -6.86 -10.56
C ILE A 328 -11.20 -6.13 -9.63
N LYS A 329 -9.95 -6.57 -9.62
CA LYS A 329 -8.94 -5.94 -8.77
C LYS A 329 -8.61 -4.53 -9.26
N MET A 330 -8.59 -4.36 -10.58
CA MET A 330 -8.41 -3.05 -11.17
C MET A 330 -9.57 -2.13 -10.83
N LYS A 331 -10.78 -2.68 -10.82
CA LYS A 331 -11.97 -1.93 -10.44
C LYS A 331 -11.85 -1.45 -9.00
N TRP A 332 -11.50 -2.37 -8.11
CA TRP A 332 -11.36 -2.04 -6.71
C TRP A 332 -10.29 -0.97 -6.51
N GLY A 333 -9.21 -1.08 -7.28
CA GLY A 333 -8.10 -0.15 -7.21
C GLY A 333 -8.49 1.22 -7.73
N MET A 334 -9.30 1.25 -8.78
CA MET A 334 -9.79 2.50 -9.35
C MET A 334 -10.71 3.24 -8.39
N GLU A 335 -11.10 2.57 -7.31
CA GLU A 335 -12.10 3.13 -6.40
C GLU A 335 -11.56 3.37 -5.01
N MET A 336 -10.25 3.35 -4.85
CA MET A 336 -9.62 3.53 -3.54
C MET A 336 -10.02 4.83 -2.87
N ARG A 337 -10.55 5.77 -3.64
CA ARG A 337 -11.06 7.01 -3.07
C ARG A 337 -12.04 6.70 -1.95
N ARG A 338 -12.68 5.53 -2.04
CA ARG A 338 -13.63 5.10 -1.03
C ARG A 338 -12.99 5.18 0.34
N CYS A 339 -11.67 4.99 0.40
CA CYS A 339 -10.97 5.02 1.67
C CYS A 339 -11.13 6.36 2.36
N LEU A 340 -11.29 7.39 1.56
CA LEU A 340 -11.47 8.75 2.06
C LEU A 340 -12.81 8.86 2.80
N LEU A 341 -13.86 8.37 2.15
CA LEU A 341 -15.18 8.35 2.77
C LEU A 341 -15.15 7.53 4.04
N GLN A 342 -14.91 6.24 3.90
CA GLN A 342 -14.83 5.34 5.04
C GLN A 342 -14.02 5.97 6.17
N SER A 343 -12.83 6.44 5.82
CA SER A 343 -11.95 7.11 6.77
C SER A 343 -12.70 8.25 7.46
N LEU A 344 -13.30 9.12 6.64
CA LEU A 344 -14.06 10.27 7.13
C LEU A 344 -15.22 9.88 8.06
N GLN A 345 -16.14 9.08 7.54
CA GLN A 345 -17.27 8.62 8.33
C GLN A 345 -16.89 8.22 9.76
N GLN A 346 -15.82 7.44 9.92
CA GLN A 346 -15.36 7.06 11.24
C GLN A 346 -15.01 8.29 12.06
N ILE A 347 -14.31 9.24 11.44
CA ILE A 347 -13.93 10.46 12.12
C ILE A 347 -15.19 11.24 12.46
N GLU A 348 -16.17 11.15 11.56
CA GLU A 348 -17.45 11.82 11.75
C GLU A 348 -18.13 11.28 13.01
N SER A 349 -18.57 10.04 12.95
CA SER A 349 -19.24 9.42 14.08
C SER A 349 -18.45 9.61 15.37
N MET A 350 -17.13 9.53 15.26
CA MET A 350 -16.26 9.65 16.42
C MET A 350 -16.50 10.97 17.13
N ILE A 351 -17.13 11.90 16.41
CA ILE A 351 -17.46 13.21 16.95
C ILE A 351 -18.80 13.16 17.70
N GLU A 352 -19.74 12.37 17.17
CA GLU A 352 -21.01 12.15 17.86
C GLU A 352 -20.76 11.54 19.23
N ALA A 353 -19.77 10.65 19.31
CA ALA A 353 -19.40 10.03 20.58
C ALA A 353 -18.89 11.05 21.58
N GLU A 354 -18.91 12.32 21.19
CA GLU A 354 -18.48 13.41 22.06
C GLU A 354 -19.43 14.61 21.99
N SER A 355 -20.00 14.86 20.81
CA SER A 355 -20.87 16.02 20.60
C SER A 355 -22.22 15.90 21.30
N SER A 356 -22.76 14.69 21.36
CA SER A 356 -24.03 14.46 22.03
C SER A 356 -23.84 14.52 23.54
N VAL A 357 -22.66 14.11 24.00
CA VAL A 357 -22.33 14.14 25.43
C VAL A 357 -22.03 15.55 25.93
N LYS A 358 -21.30 16.32 25.12
CA LYS A 358 -20.94 17.69 25.50
C LYS A 358 -22.02 18.70 25.11
N GLU A 359 -23.14 18.17 24.60
CA GLU A 359 -24.30 18.99 24.22
C GLU A 359 -24.06 19.84 22.98
N LYS A 360 -22.91 20.51 22.92
CA LYS A 360 -22.56 21.34 21.78
C LYS A 360 -21.78 20.55 20.72
N ASP A 361 -21.90 20.97 19.46
CA ASP A 361 -21.11 20.41 18.37
C ASP A 361 -19.62 20.67 18.63
N MET A 362 -18.80 19.65 18.41
CA MET A 362 -17.40 19.71 18.83
C MET A 362 -16.37 19.70 17.69
N THR A 363 -16.83 19.73 16.45
CA THR A 363 -15.90 19.66 15.32
C THR A 363 -14.87 20.78 15.40
N LYS A 364 -15.34 22.00 15.70
CA LYS A 364 -14.46 23.16 15.75
C LYS A 364 -13.49 23.09 16.91
N GLU A 365 -13.99 22.74 18.08
CA GLU A 365 -13.11 22.57 19.24
C GLU A 365 -11.92 21.69 18.87
N PHE A 366 -12.23 20.47 18.43
CA PHE A 366 -11.22 19.49 18.07
C PHE A 366 -10.25 19.99 16.99
N PHE A 367 -10.79 20.30 15.82
CA PHE A 367 -9.96 20.69 14.67
C PHE A 367 -9.21 22.00 14.85
N GLU A 368 -9.65 22.84 15.78
CA GLU A 368 -9.06 24.16 15.96
C GLU A 368 -8.00 24.20 17.07
N ASN A 369 -8.06 23.25 18.00
CA ASN A 369 -6.99 23.08 18.97
C ASN A 369 -6.87 21.69 19.61
N LYS A 370 -7.33 21.57 20.84
CA LYS A 370 -6.94 20.44 21.69
C LYS A 370 -8.04 19.42 21.98
N SER A 371 -7.60 18.34 22.62
CA SER A 371 -8.29 17.05 22.73
C SER A 371 -7.41 16.03 22.01
N GLU A 372 -6.11 16.30 22.02
CA GLU A 372 -5.07 15.35 21.68
C GLU A 372 -5.20 14.26 22.72
N THR A 373 -6.44 13.79 22.88
CA THR A 373 -6.78 12.91 23.98
C THR A 373 -7.22 11.55 23.46
N TRP A 374 -6.84 11.24 22.22
CA TRP A 374 -7.02 9.88 21.68
C TRP A 374 -5.66 9.21 21.49
N PRO A 375 -5.46 8.06 22.12
CA PRO A 375 -4.23 7.28 21.94
C PRO A 375 -4.10 6.72 20.52
N ILE A 376 -2.90 6.80 19.94
CA ILE A 376 -2.70 6.35 18.57
C ILE A 376 -1.32 5.76 18.34
N GLY A 377 -0.51 5.66 19.39
CA GLY A 377 0.83 5.13 19.20
C GLY A 377 1.63 4.78 20.43
N GLU A 378 2.75 4.11 20.19
CA GLU A 378 3.68 3.74 21.24
C GLU A 378 4.99 4.42 20.92
N SER A 379 5.79 4.70 21.94
CA SER A 379 7.15 5.22 21.75
C SER A 379 8.04 4.67 22.84
N PRO A 380 9.33 5.00 22.81
CA PRO A 380 10.19 4.56 23.92
C PRO A 380 9.61 5.02 25.27
N LYS A 381 9.02 6.20 25.27
CA LYS A 381 8.36 6.76 26.46
C LYS A 381 7.06 6.02 26.79
N GLY A 382 6.54 5.29 25.82
CA GLY A 382 5.32 4.52 26.01
C GLY A 382 4.10 5.09 25.32
N MET A 383 2.95 4.85 25.92
CA MET A 383 1.67 5.35 25.41
C MET A 383 1.78 6.78 24.91
N GLU A 384 1.08 7.08 23.82
CA GLU A 384 1.22 8.35 23.13
C GLU A 384 -0.10 8.77 22.48
N GLU A 385 -0.41 10.07 22.51
CA GLU A 385 -1.70 10.55 22.02
C GLU A 385 -1.57 11.61 20.92
N GLY A 386 -2.68 11.89 20.25
CA GLY A 386 -2.67 12.79 19.12
C GLY A 386 -4.05 13.33 18.78
N SER A 387 -4.10 14.47 18.14
CA SER A 387 -5.36 15.15 17.85
C SER A 387 -6.09 14.59 16.63
N ILE A 388 -7.37 14.94 16.53
CA ILE A 388 -8.24 14.59 15.41
C ILE A 388 -7.54 14.69 14.07
N GLY A 389 -6.61 15.63 13.96
CA GLY A 389 -5.78 15.74 12.77
C GLY A 389 -5.02 14.45 12.51
N LYS A 390 -4.16 14.10 13.46
CA LYS A 390 -3.41 12.85 13.36
C LYS A 390 -4.37 11.69 13.16
N VAL A 391 -5.42 11.64 13.98
CA VAL A 391 -6.42 10.60 13.86
C VAL A 391 -6.98 10.50 12.44
N CYS A 392 -7.40 11.61 11.87
CA CYS A 392 -7.88 11.62 10.49
C CYS A 392 -6.92 10.86 9.58
N ARG A 393 -5.63 11.17 9.71
CA ARG A 393 -4.62 10.60 8.83
C ARG A 393 -4.41 9.12 9.12
N THR A 394 -4.31 8.79 10.40
CA THR A 394 -4.15 7.41 10.81
C THR A 394 -5.27 6.51 10.31
N LEU A 395 -6.51 6.97 10.43
CA LEU A 395 -7.63 6.19 9.92
C LEU A 395 -7.61 6.11 8.40
N LEU A 396 -7.10 7.15 7.74
CA LEU A 396 -6.97 7.13 6.29
C LEU A 396 -5.98 6.04 5.91
N ALA A 397 -4.79 6.11 6.51
CA ALA A 397 -3.76 5.10 6.31
C ALA A 397 -4.31 3.69 6.52
N LYS A 398 -4.99 3.47 7.64
CA LYS A 398 -5.58 2.17 7.90
C LYS A 398 -6.52 1.72 6.77
N SER A 399 -7.46 2.56 6.40
CA SER A 399 -8.37 2.23 5.30
C SER A 399 -7.59 1.91 4.04
N VAL A 400 -6.53 2.66 3.80
CA VAL A 400 -5.76 2.52 2.57
C VAL A 400 -4.92 1.24 2.54
N PHE A 401 -4.28 0.92 3.67
CA PHE A 401 -3.53 -0.33 3.76
C PHE A 401 -4.43 -1.56 3.68
N ASN A 402 -5.64 -1.49 4.27
CA ASN A 402 -6.64 -2.54 4.10
C ASN A 402 -6.83 -2.84 2.63
N SER A 403 -6.86 -1.78 1.84
CA SER A 403 -7.15 -1.89 0.41
C SER A 403 -5.91 -2.34 -0.36
N LEU A 404 -4.75 -1.85 0.07
CA LEU A 404 -3.47 -2.17 -0.57
C LEU A 404 -3.05 -3.58 -0.27
N TYR A 405 -3.52 -4.11 0.85
CA TYR A 405 -3.08 -5.42 1.32
C TYR A 405 -4.28 -6.33 1.50
N ALA A 406 -5.33 -6.05 0.74
CA ALA A 406 -6.52 -6.87 0.73
C ALA A 406 -6.15 -8.33 0.58
N SER A 407 -6.73 -9.17 1.44
CA SER A 407 -6.47 -10.60 1.41
C SER A 407 -7.47 -11.35 2.26
N PRO A 408 -7.67 -12.65 1.96
CA PRO A 408 -8.55 -13.48 2.78
C PRO A 408 -8.07 -13.48 4.22
N GLN A 409 -6.77 -13.63 4.44
CA GLN A 409 -6.22 -13.50 5.79
C GLN A 409 -6.83 -12.28 6.48
N LEU A 410 -6.93 -11.17 5.75
CA LEU A 410 -7.46 -9.92 6.33
C LEU A 410 -8.97 -9.90 6.60
N GLU A 411 -9.78 -10.40 5.66
CA GLU A 411 -11.21 -10.54 5.87
C GLU A 411 -11.47 -11.28 7.17
N GLY A 412 -10.78 -12.41 7.33
CA GLY A 412 -10.89 -13.23 8.52
C GLY A 412 -10.53 -12.46 9.76
N PHE A 413 -9.26 -12.06 9.86
CA PHE A 413 -8.80 -11.34 11.03
C PHE A 413 -9.77 -10.25 11.46
N SER A 414 -10.19 -9.40 10.54
CA SER A 414 -11.09 -8.31 10.87
C SER A 414 -12.35 -8.82 11.56
N ALA A 415 -13.11 -9.63 10.83
CA ALA A 415 -14.37 -10.16 11.34
C ALA A 415 -14.16 -10.77 12.73
N GLU A 416 -13.10 -11.55 12.87
CA GLU A 416 -12.87 -12.28 14.10
C GLU A 416 -12.26 -11.43 15.22
N SER A 417 -11.40 -10.49 14.88
CA SER A 417 -10.73 -9.68 15.89
C SER A 417 -11.66 -8.60 16.44
N ARG A 418 -12.70 -8.28 15.69
CA ARG A 418 -13.69 -7.34 16.16
C ARG A 418 -14.32 -7.92 17.40
N LYS A 419 -14.69 -9.20 17.33
CA LYS A 419 -15.28 -9.90 18.45
C LYS A 419 -14.37 -9.85 19.69
N LEU A 420 -13.11 -10.24 19.51
CA LEU A 420 -12.17 -10.23 20.63
C LEU A 420 -12.07 -8.81 21.19
N LEU A 421 -12.18 -7.83 20.30
CA LEU A 421 -12.11 -6.44 20.68
C LEU A 421 -13.31 -6.06 21.57
N LEU A 422 -14.51 -6.40 21.11
CA LEU A 422 -15.71 -6.24 21.91
C LEU A 422 -15.50 -6.83 23.30
N ILE A 423 -15.18 -8.11 23.34
CA ILE A 423 -14.95 -8.82 24.59
C ILE A 423 -13.94 -8.11 25.48
N VAL A 424 -12.80 -7.70 24.90
CA VAL A 424 -11.77 -7.04 25.69
C VAL A 424 -12.27 -5.74 26.29
N GLN A 425 -13.07 -5.00 25.52
CA GLN A 425 -13.65 -3.76 26.02
C GLN A 425 -14.57 -4.00 27.21
N ALA A 426 -15.48 -4.96 27.09
CA ALA A 426 -16.37 -5.34 28.19
C ALA A 426 -15.58 -5.63 29.46
N LEU A 427 -14.77 -6.70 29.41
CA LEU A 427 -13.95 -7.08 30.56
C LEU A 427 -13.23 -5.88 31.17
N ARG A 428 -12.75 -4.98 30.31
CA ARG A 428 -12.06 -3.77 30.74
C ARG A 428 -12.94 -2.90 31.65
N ASP A 429 -14.24 -2.89 31.37
CA ASP A 429 -15.18 -2.09 32.16
C ASP A 429 -15.81 -2.90 33.29
N ASN A 430 -15.27 -4.09 33.55
CA ASN A 430 -15.85 -4.99 34.52
C ASN A 430 -17.24 -5.46 34.11
N LEU A 431 -17.32 -6.02 32.91
CA LEU A 431 -18.58 -6.60 32.43
C LEU A 431 -18.40 -8.05 32.01
N GLU A 432 -19.39 -8.88 32.34
CA GLU A 432 -19.37 -10.26 31.91
C GLU A 432 -19.96 -10.34 30.51
N PRO A 433 -19.12 -10.76 29.53
CA PRO A 433 -19.54 -10.95 28.14
C PRO A 433 -20.50 -12.12 28.06
N GLY A 434 -20.31 -13.10 28.94
CA GLY A 434 -21.16 -14.28 28.97
C GLY A 434 -20.38 -15.55 28.67
N THR A 435 -21.06 -16.68 28.80
CA THR A 435 -20.43 -17.94 28.45
C THR A 435 -20.22 -18.04 26.93
N PHE A 436 -18.95 -17.91 26.55
CA PHE A 436 -18.54 -17.79 25.16
C PHE A 436 -17.27 -18.61 25.00
N ASP A 437 -17.22 -19.44 23.97
CA ASP A 437 -16.02 -20.22 23.72
C ASP A 437 -14.86 -19.34 23.22
N LEU A 438 -14.19 -18.70 24.17
CA LEU A 438 -13.16 -17.73 23.85
C LEU A 438 -12.00 -18.39 23.11
N GLY A 439 -11.53 -19.52 23.62
CA GLY A 439 -10.41 -20.20 23.03
C GLY A 439 -10.77 -20.55 21.60
N GLY A 440 -12.05 -20.82 21.39
CA GLY A 440 -12.55 -21.08 20.05
C GLY A 440 -12.30 -19.89 19.15
N LEU A 441 -12.67 -18.70 19.64
CA LEU A 441 -12.39 -17.43 18.97
C LEU A 441 -10.91 -17.26 18.67
N TYR A 442 -10.05 -17.51 19.65
CA TYR A 442 -8.61 -17.45 19.39
C TYR A 442 -8.17 -18.33 18.22
N GLU A 443 -8.70 -19.54 18.14
CA GLU A 443 -8.34 -20.41 17.04
C GLU A 443 -8.65 -19.71 15.73
N ALA A 444 -9.87 -19.19 15.63
CA ALA A 444 -10.31 -18.55 14.41
C ALA A 444 -9.33 -17.45 13.99
N ILE A 445 -8.96 -16.60 14.94
CA ILE A 445 -8.06 -15.49 14.71
C ILE A 445 -6.66 -15.95 14.29
N GLU A 446 -6.06 -16.85 15.06
CA GLU A 446 -4.66 -17.22 14.84
C GLU A 446 -4.46 -18.05 13.56
N GLU A 447 -5.57 -18.49 12.98
CA GLU A 447 -5.50 -19.28 11.77
C GLU A 447 -5.50 -18.34 10.57
N CYS A 448 -5.78 -17.07 10.83
CA CYS A 448 -5.64 -16.03 9.81
C CYS A 448 -4.24 -15.44 9.84
N LEU A 449 -3.46 -15.82 10.84
CA LEU A 449 -2.12 -15.28 11.01
C LEU A 449 -1.07 -16.24 10.46
N ILE A 450 -0.85 -16.17 9.16
CA ILE A 450 0.06 -17.09 8.49
C ILE A 450 1.32 -16.39 7.98
N ASN A 451 1.17 -15.47 7.04
CA ASN A 451 2.33 -14.82 6.44
C ASN A 451 2.10 -13.41 5.88
N ASP A 452 0.87 -12.91 5.90
CA ASP A 452 0.61 -11.58 5.38
C ASP A 452 1.16 -10.51 6.32
N PRO A 453 2.02 -9.63 5.78
CA PRO A 453 2.72 -8.65 6.62
C PRO A 453 1.75 -7.70 7.28
N TRP A 454 0.72 -7.29 6.55
CA TRP A 454 -0.28 -6.35 7.07
C TRP A 454 -1.11 -6.97 8.20
N VAL A 455 -1.58 -8.19 7.97
CA VAL A 455 -2.34 -8.90 8.98
C VAL A 455 -1.51 -9.12 10.24
N LEU A 456 -0.25 -9.50 10.08
CA LEU A 456 0.61 -9.73 11.23
C LEU A 456 0.78 -8.45 12.04
N LEU A 457 0.80 -7.31 11.34
CA LEU A 457 0.92 -6.03 12.03
C LEU A 457 -0.29 -5.84 12.92
N ASN A 458 -1.47 -5.90 12.32
CA ASN A 458 -2.71 -5.78 13.09
C ASN A 458 -2.76 -6.72 14.29
N ALA A 459 -2.28 -7.95 14.10
CA ALA A 459 -2.18 -8.88 15.21
C ALA A 459 -1.29 -8.29 16.29
N SER A 460 -0.06 -7.94 15.93
CA SER A 460 0.86 -7.31 16.87
C SER A 460 0.22 -6.09 17.52
N TRP A 461 -0.48 -5.30 16.71
CA TRP A 461 -1.17 -4.12 17.21
C TRP A 461 -2.15 -4.50 18.30
N PHE A 462 -2.98 -5.48 18.02
CA PHE A 462 -3.98 -5.93 18.98
C PHE A 462 -3.29 -6.31 20.29
N ASN A 463 -2.24 -7.12 20.20
CA ASN A 463 -1.47 -7.50 21.37
C ASN A 463 -1.09 -6.30 22.22
N SER A 464 -0.65 -5.23 21.57
CA SER A 464 -0.28 -4.03 22.27
C SER A 464 -1.51 -3.39 22.88
N PHE A 465 -2.58 -3.31 22.09
CA PHE A 465 -3.83 -2.80 22.61
C PHE A 465 -4.20 -3.61 23.83
N LEU A 466 -4.13 -4.92 23.67
CA LEU A 466 -4.50 -5.88 24.71
C LEU A 466 -3.75 -5.63 26.03
N THR A 467 -2.46 -5.30 25.92
CA THR A 467 -1.64 -5.01 27.09
C THR A 467 -2.04 -3.74 27.85
N HIS A 468 -2.47 -2.72 27.12
CA HIS A 468 -2.88 -1.47 27.75
C HIS A 468 -4.30 -1.57 28.30
N ALA A 469 -5.16 -2.25 27.55
CA ALA A 469 -6.57 -2.36 27.89
C ALA A 469 -6.79 -3.11 29.20
N LEU A 470 -5.91 -4.07 29.47
CA LEU A 470 -6.06 -4.91 30.65
C LEU A 470 -4.77 -4.94 31.47
N LYS A 471 -4.13 -3.78 31.57
CA LYS A 471 -3.02 -3.55 32.49
C LYS A 471 -3.49 -3.91 33.88
N SER B 5 10.87 7.51 18.38
CA SER B 5 9.73 8.13 17.71
C SER B 5 8.53 7.18 17.64
N MET B 6 7.34 7.78 17.63
CA MET B 6 6.09 7.04 17.70
C MET B 6 5.89 6.03 16.56
N ASP B 7 5.65 4.77 16.94
CA ASP B 7 5.08 3.81 16.01
C ASP B 7 3.56 3.89 16.14
N VAL B 8 2.90 4.32 15.07
CA VAL B 8 1.44 4.48 15.07
C VAL B 8 0.71 3.14 15.20
N ASN B 9 -0.37 3.12 15.97
CA ASN B 9 -1.16 1.93 16.22
C ASN B 9 -2.63 2.29 16.36
N PRO B 10 -3.39 2.23 15.26
CA PRO B 10 -4.80 2.63 15.24
C PRO B 10 -5.69 1.85 16.22
N THR B 11 -5.24 0.68 16.65
CA THR B 11 -6.07 -0.11 17.53
C THR B 11 -6.15 0.51 18.92
N LEU B 12 -5.12 1.27 19.28
CA LEU B 12 -5.08 1.97 20.55
C LEU B 12 -6.25 2.96 20.71
N LEU B 13 -6.80 3.42 19.59
CA LEU B 13 -7.98 4.27 19.64
C LEU B 13 -9.06 3.63 20.50
N PHE B 14 -9.07 2.30 20.52
CA PHE B 14 -10.13 1.57 21.21
C PHE B 14 -9.92 1.53 22.72
N LEU B 15 -8.84 2.15 23.18
CA LEU B 15 -8.68 2.41 24.61
C LEU B 15 -9.70 3.47 25.02
N LYS B 16 -10.15 4.26 24.05
CA LYS B 16 -11.06 5.36 24.30
C LYS B 16 -12.35 5.22 23.49
N VAL B 17 -12.21 5.05 22.18
CA VAL B 17 -13.37 4.86 21.33
C VAL B 17 -13.89 3.44 21.54
N PRO B 18 -15.20 3.29 21.77
CA PRO B 18 -15.78 1.97 21.99
C PRO B 18 -16.01 1.28 20.66
N ALA B 19 -15.74 -0.03 20.59
CA ALA B 19 -15.87 -0.76 19.33
C ALA B 19 -17.22 -0.48 18.67
N GLN B 20 -17.30 -0.76 17.37
CA GLN B 20 -18.44 -0.35 16.55
C GLN B 20 -18.18 1.06 16.02
#